data_9FLC
#
_entry.id   9FLC
#
_cell.length_a   77.822
_cell.length_b   77.908
_cell.length_c   81.313
_cell.angle_alpha   90.00
_cell.angle_beta   90.00
_cell.angle_gamma   90.00
#
_symmetry.space_group_name_H-M   'P 21 21 21'
#
loop_
_entity.id
_entity.type
_entity.pdbx_description
1 polymer 'Serine/threonine-protein kinase haspin'
2 non-polymer 5-(1-methylpyrazol-3-yl)-3-pyridin-4-yl-thieno[3,2-b]pyridine
3 non-polymer (4S)-2-METHYL-2,4-PENTANEDIOL
4 non-polymer GLYCEROL
5 water water
#
_entity_poly.entity_id   1
_entity_poly.type   'polypeptide(L)'
_entity_poly.pdbx_seq_one_letter_code
;MHHHHHHSSGVDLGTENLYFQSMGECSQKGPVPFSHCLPTEKLQRCEKIGEGVFGEVFQTIADHTPVAIKIIAIEGPDLV
NGSHQKTFEEILPEIIISKELSLLSGEVCNRTEGFIGLNSVHCVQGSYPPLLLKAWDHYNSTKGSANDRPDFFKDDQLFI
VLEFEFGGIDLEQMRTKLSSLATAKSILHQLTASLAVAEASLRFEHRDLHWGNVLLKKTSLKKLHYTLNGKSSTIPSCGL
QVSIIDYTLSRLERDGIVVFCDVSMDEDLFTGDGDYQFDIYRLMKKENNNRWGEYHPYSNVLWLHYLTDKMLKQMTFKTK
CNTPAMKQIKRKIQEFHRTMLNFSSATDLLCQHSLFK
;
_entity_poly.pdbx_strand_id   A
#
# COMPACT_ATOMS: atom_id res chain seq x y z
N GLY A 30 27.52 -5.76 9.26
CA GLY A 30 26.45 -6.80 9.09
C GLY A 30 25.30 -6.61 10.09
N PRO A 31 24.56 -7.69 10.42
CA PRO A 31 23.29 -7.58 11.14
C PRO A 31 23.43 -7.20 12.62
N VAL A 32 22.39 -6.57 13.16
CA VAL A 32 22.34 -5.94 14.51
C VAL A 32 21.28 -6.66 15.34
N PRO A 33 21.31 -6.59 16.70
CA PRO A 33 20.26 -7.19 17.52
C PRO A 33 18.96 -6.41 17.30
N PHE A 34 17.83 -7.00 17.67
CA PHE A 34 16.54 -6.28 17.64
C PHE A 34 16.66 -4.92 18.34
N SER A 35 17.45 -4.87 19.41
CA SER A 35 17.54 -3.73 20.34
C SER A 35 18.09 -2.49 19.64
N HIS A 36 18.92 -2.62 18.59
CA HIS A 36 19.39 -1.49 17.74
C HIS A 36 18.19 -0.80 17.05
N CYS A 37 17.18 -1.52 16.61
CA CYS A 37 15.97 -0.94 15.97
C CYS A 37 14.97 -0.57 17.01
N LEU A 38 14.84 -1.47 17.98
CA LEU A 38 13.77 -1.39 18.98
C LEU A 38 14.38 -1.38 20.37
N PRO A 39 14.96 -0.23 20.80
CA PRO A 39 15.39 -0.05 22.17
C PRO A 39 14.16 -0.28 23.07
N THR A 40 14.40 -0.51 24.35
CA THR A 40 13.38 -1.05 25.27
C THR A 40 12.12 -0.21 25.12
N GLU A 41 12.23 1.11 25.22
CA GLU A 41 11.06 2.02 25.30
C GLU A 41 10.19 1.83 24.06
N LYS A 42 10.85 1.73 22.91
CA LYS A 42 10.18 1.53 21.59
C LYS A 42 9.52 0.12 21.57
N LEU A 43 10.20 -0.92 22.07
CA LEU A 43 9.61 -2.29 22.20
C LEU A 43 8.35 -2.23 23.06
N GLN A 44 8.39 -1.48 24.16
CA GLN A 44 7.36 -1.49 25.22
C GLN A 44 6.09 -0.83 24.70
N ARG A 45 6.17 0.05 23.71
CA ARG A 45 4.98 0.78 23.21
C ARG A 45 4.49 0.16 21.92
N CYS A 46 5.15 -0.91 21.47
CA CYS A 46 4.75 -1.70 20.30
C CYS A 46 3.36 -2.26 20.50
N GLU A 47 2.56 -2.16 19.47
CA GLU A 47 1.21 -2.74 19.42
C GLU A 47 1.01 -3.28 18.01
N LYS A 48 0.59 -4.54 17.87
CA LYS A 48 0.40 -5.15 16.53
C LYS A 48 -0.79 -4.48 15.83
N ILE A 49 -0.68 -4.21 14.52
CA ILE A 49 -1.74 -3.52 13.71
C ILE A 49 -1.96 -4.23 12.38
N GLY A 50 -1.18 -5.23 12.04
CA GLY A 50 -1.37 -5.98 10.79
C GLY A 50 -0.49 -7.19 10.70
N GLU A 51 -0.69 -7.97 9.66
CA GLU A 51 -0.03 -9.27 9.47
C GLU A 51 -0.32 -9.75 8.07
N GLY A 52 0.51 -10.66 7.60
CA GLY A 52 0.31 -11.45 6.38
C GLY A 52 1.17 -12.68 6.45
N VAL A 53 1.19 -13.43 5.37
CA VAL A 53 2.13 -14.56 5.26
C VAL A 53 3.53 -14.03 5.49
N PHE A 54 3.79 -12.79 5.08
CA PHE A 54 5.13 -12.17 5.10
C PHE A 54 5.66 -12.08 6.54
N GLY A 55 4.78 -11.91 7.52
CA GLY A 55 5.17 -11.63 8.91
C GLY A 55 4.22 -10.67 9.59
N GLU A 56 4.76 -9.66 10.30
CA GLU A 56 4.03 -8.90 11.34
C GLU A 56 4.29 -7.41 11.15
N VAL A 57 3.32 -6.60 11.51
CA VAL A 57 3.43 -5.12 11.49
C VAL A 57 3.00 -4.63 12.87
N PHE A 58 3.89 -3.92 13.55
CA PHE A 58 3.63 -3.28 14.86
C PHE A 58 3.60 -1.77 14.69
N GLN A 59 2.78 -1.09 15.45
CA GLN A 59 2.85 0.38 15.62
C GLN A 59 3.64 0.65 16.88
N THR A 60 4.53 1.61 16.84
CA THR A 60 5.19 2.12 18.07
C THR A 60 5.43 3.62 17.91
N ILE A 61 6.10 4.17 18.90
CA ILE A 61 6.29 5.64 19.10
C ILE A 61 7.79 5.84 19.23
N ALA A 62 8.36 6.69 18.39
CA ALA A 62 9.72 7.25 18.56
C ALA A 62 9.62 8.78 18.44
N ASP A 63 10.18 9.52 19.40
CA ASP A 63 10.16 11.00 19.41
C ASP A 63 8.74 11.46 19.16
N HIS A 64 7.80 10.93 19.95
CA HIS A 64 6.40 11.39 20.07
C HIS A 64 5.63 11.09 18.78
N THR A 65 6.18 10.25 17.92
CA THR A 65 5.72 10.10 16.52
C THR A 65 5.47 8.63 16.23
N PRO A 66 4.23 8.27 15.88
CA PRO A 66 3.94 6.88 15.56
C PRO A 66 4.72 6.47 14.31
N VAL A 67 5.13 5.21 14.29
CA VAL A 67 5.79 4.55 13.13
C VAL A 67 5.23 3.11 13.05
N ALA A 68 5.35 2.51 11.89
CA ALA A 68 4.91 1.14 11.63
C ALA A 68 6.15 0.29 11.36
N ILE A 69 6.28 -0.80 12.09
CA ILE A 69 7.45 -1.70 11.99
C ILE A 69 6.98 -2.96 11.28
N LYS A 70 7.51 -3.20 10.10
CA LYS A 70 7.23 -4.44 9.36
C LYS A 70 8.41 -5.38 9.55
N ILE A 71 8.15 -6.56 10.06
CA ILE A 71 9.20 -7.54 10.43
C ILE A 71 8.99 -8.82 9.62
N ILE A 72 10.01 -9.17 8.86
CA ILE A 72 10.02 -10.28 7.89
C ILE A 72 11.22 -11.16 8.20
N ALA A 73 10.99 -12.42 8.55
CA ALA A 73 12.02 -13.46 8.70
C ALA A 73 12.58 -13.75 7.32
N ILE A 74 13.90 -13.85 7.21
CA ILE A 74 14.57 -14.21 5.93
C ILE A 74 15.62 -15.30 6.16
N GLU A 75 15.93 -16.05 5.09
CA GLU A 75 17.17 -16.87 4.97
C GLU A 75 17.06 -18.21 5.71
N GLY A 76 15.98 -18.45 6.47
CA GLY A 76 15.84 -19.60 7.36
C GLY A 76 15.07 -20.73 6.66
N PRO A 77 15.26 -21.99 7.09
CA PRO A 77 14.70 -23.11 6.37
C PRO A 77 13.25 -23.38 6.82
N ASP A 78 12.90 -22.92 8.03
CA ASP A 78 11.56 -23.10 8.66
C ASP A 78 10.50 -22.49 7.77
N LEU A 79 9.34 -23.09 7.75
CA LEU A 79 8.11 -22.45 7.24
C LEU A 79 7.72 -21.39 8.23
N VAL A 80 7.18 -20.30 7.72
CA VAL A 80 6.54 -19.27 8.56
C VAL A 80 5.17 -18.98 7.98
N ASN A 81 4.13 -19.12 8.79
CA ASN A 81 2.74 -18.87 8.34
C ASN A 81 2.49 -19.72 7.10
N GLY A 82 3.11 -20.91 7.05
CA GLY A 82 2.87 -21.93 6.02
C GLY A 82 3.76 -21.78 4.81
N SER A 83 4.65 -20.78 4.73
CA SER A 83 5.46 -20.52 3.51
C SER A 83 6.94 -20.49 3.86
N HIS A 84 7.79 -20.76 2.87
CA HIS A 84 9.25 -20.65 2.97
C HIS A 84 9.60 -19.18 3.18
N GLN A 85 10.62 -18.91 3.99
CA GLN A 85 11.17 -17.55 4.16
C GLN A 85 11.81 -17.11 2.85
N LYS A 86 11.72 -15.81 2.54
CA LYS A 86 12.48 -15.17 1.44
C LYS A 86 13.96 -15.22 1.78
N THR A 87 14.82 -15.27 0.77
CA THR A 87 16.25 -14.91 0.92
C THR A 87 16.34 -13.41 0.97
N PHE A 88 17.52 -12.89 1.29
CA PHE A 88 17.87 -11.45 1.16
C PHE A 88 17.56 -10.98 -0.25
N GLU A 89 18.03 -11.72 -1.25
CA GLU A 89 17.81 -11.38 -2.66
C GLU A 89 16.33 -11.21 -2.93
N GLU A 90 15.50 -12.12 -2.45
CA GLU A 90 14.06 -12.15 -2.77
C GLU A 90 13.34 -11.00 -2.04
N ILE A 91 13.94 -10.44 -1.01
CA ILE A 91 13.28 -9.35 -0.22
C ILE A 91 13.79 -7.99 -0.74
N LEU A 92 14.96 -7.95 -1.36
CA LEU A 92 15.53 -6.72 -1.94
C LEU A 92 14.48 -5.95 -2.75
N PRO A 93 13.70 -6.59 -3.64
CA PRO A 93 12.79 -5.82 -4.46
C PRO A 93 11.87 -4.94 -3.62
N GLU A 94 11.33 -5.49 -2.54
CA GLU A 94 10.36 -4.76 -1.69
C GLU A 94 11.07 -3.56 -1.07
N ILE A 95 12.31 -3.73 -0.65
CA ILE A 95 13.09 -2.64 -0.05
C ILE A 95 13.30 -1.56 -1.11
N ILE A 96 13.73 -1.98 -2.29
CA ILE A 96 14.09 -1.06 -3.41
C ILE A 96 12.85 -0.26 -3.78
N ILE A 97 11.71 -0.92 -3.89
CA ILE A 97 10.50 -0.23 -4.39
C ILE A 97 10.00 0.71 -3.29
N SER A 98 10.01 0.24 -2.04
CA SER A 98 9.65 1.06 -0.87
C SER A 98 10.46 2.37 -0.92
N LYS A 99 11.77 2.26 -1.10
CA LYS A 99 12.69 3.41 -1.11
C LYS A 99 12.31 4.34 -2.26
N GLU A 100 12.20 3.81 -3.45
CA GLU A 100 12.00 4.63 -4.66
C GLU A 100 10.73 5.44 -4.50
N LEU A 101 9.66 4.82 -3.99
CA LEU A 101 8.36 5.49 -3.88
C LEU A 101 8.38 6.51 -2.74
N SER A 102 9.03 6.18 -1.63
CA SER A 102 9.23 7.14 -0.51
C SER A 102 9.95 8.40 -1.03
N LEU A 103 10.99 8.24 -1.83
CA LEU A 103 11.85 9.35 -2.29
C LEU A 103 11.06 10.30 -3.18
N LEU A 104 9.90 9.87 -3.71
CA LEU A 104 9.09 10.79 -4.54
C LEU A 104 8.64 11.99 -3.70
N SER A 105 8.60 11.87 -2.39
CA SER A 105 8.13 12.99 -1.56
C SER A 105 9.16 14.10 -1.62
N GLY A 106 10.38 13.77 -2.02
CA GLY A 106 11.47 14.77 -2.04
C GLY A 106 11.89 15.16 -3.46
N GLU A 107 11.20 14.68 -4.48
CA GLU A 107 11.58 14.92 -5.89
C GLU A 107 10.96 16.22 -6.38
N VAL A 108 11.29 16.67 -7.59
CA VAL A 108 10.91 18.02 -8.08
C VAL A 108 9.95 17.91 -9.25
N CYS A 109 10.34 17.21 -10.34
CA CYS A 109 9.49 17.04 -11.55
C CYS A 109 8.34 16.09 -11.25
N ASN A 110 8.65 15.00 -10.54
CA ASN A 110 7.62 13.98 -10.20
C ASN A 110 7.67 13.77 -8.71
N ARG A 111 6.76 14.45 -8.02
CA ARG A 111 6.72 14.57 -6.55
C ARG A 111 5.33 14.16 -6.09
N THR A 112 5.27 13.27 -5.10
CA THR A 112 4.03 12.85 -4.39
C THR A 112 4.43 12.37 -3.00
N GLU A 113 3.60 12.65 -2.01
CA GLU A 113 3.69 12.05 -0.67
C GLU A 113 2.72 10.88 -0.53
N GLY A 114 2.13 10.42 -1.62
CA GLY A 114 0.98 9.49 -1.57
C GLY A 114 1.40 8.04 -1.33
N PHE A 115 2.71 7.75 -1.31
CA PHE A 115 3.24 6.41 -0.93
C PHE A 115 3.78 6.48 0.48
N ILE A 116 3.78 5.37 1.17
CA ILE A 116 4.14 5.35 2.60
C ILE A 116 5.64 5.70 2.71
N GLY A 117 5.97 6.67 3.57
CA GLY A 117 7.35 7.07 3.81
C GLY A 117 8.09 5.92 4.45
N LEU A 118 9.29 5.64 3.98
CA LEU A 118 10.19 4.65 4.56
C LEU A 118 11.25 5.38 5.39
N ASN A 119 11.33 5.11 6.69
CA ASN A 119 12.29 5.78 7.60
C ASN A 119 13.62 5.03 7.61
N SER A 120 13.60 3.70 7.64
CA SER A 120 14.83 2.91 7.89
C SER A 120 14.58 1.45 7.55
N VAL A 121 15.67 0.76 7.21
CA VAL A 121 15.69 -0.69 6.95
C VAL A 121 16.85 -1.24 7.72
N HIS A 122 16.65 -2.34 8.43
CA HIS A 122 17.72 -3.00 9.23
C HIS A 122 17.67 -4.48 8.95
N CYS A 123 18.81 -5.12 8.93
CA CYS A 123 18.90 -6.56 9.03
C CYS A 123 19.20 -6.92 10.48
N VAL A 124 18.28 -7.62 11.11
CA VAL A 124 18.34 -7.98 12.54
C VAL A 124 18.54 -9.49 12.70
N GLN A 125 19.26 -9.90 13.75
CA GLN A 125 19.48 -11.30 14.14
C GLN A 125 19.09 -11.50 15.60
N GLY A 126 18.34 -12.55 15.86
CA GLY A 126 17.98 -13.00 17.21
C GLY A 126 16.65 -13.72 17.21
N SER A 127 16.29 -14.26 18.35
CA SER A 127 14.93 -14.76 18.63
C SER A 127 13.98 -13.57 18.73
N TYR A 128 12.70 -13.82 18.58
CA TYR A 128 11.68 -12.76 18.53
C TYR A 128 11.58 -12.18 19.94
N PRO A 129 11.65 -10.86 20.07
CA PRO A 129 11.54 -10.23 21.37
C PRO A 129 10.27 -10.64 22.10
N PRO A 130 10.39 -11.09 23.37
CA PRO A 130 9.21 -11.42 24.17
C PRO A 130 8.17 -10.28 24.21
N LEU A 131 8.62 -9.03 24.21
CA LEU A 131 7.68 -7.88 24.26
C LEU A 131 6.86 -7.81 22.96
N LEU A 132 7.44 -8.19 21.83
CA LEU A 132 6.68 -8.31 20.56
C LEU A 132 5.69 -9.49 20.65
N LEU A 133 6.08 -10.61 21.29
CA LEU A 133 5.18 -11.78 21.49
C LEU A 133 3.97 -11.35 22.30
N LYS A 134 4.20 -10.52 23.30
CA LYS A 134 3.15 -9.93 24.16
C LYS A 134 2.11 -9.22 23.29
N ALA A 135 2.58 -8.29 22.45
CA ALA A 135 1.73 -7.52 21.53
C ALA A 135 1.05 -8.45 20.53
N TRP A 136 1.76 -9.50 20.09
CA TRP A 136 1.24 -10.48 19.10
C TRP A 136 0.07 -11.27 19.73
N ASP A 137 0.23 -11.64 20.99
CA ASP A 137 -0.79 -12.34 21.77
C ASP A 137 -2.00 -11.46 21.96
N HIS A 138 -1.81 -10.23 22.43
CA HIS A 138 -2.93 -9.28 22.63
C HIS A 138 -3.73 -9.24 21.33
N TYR A 139 -3.06 -9.11 20.20
CA TYR A 139 -3.77 -8.99 18.92
C TYR A 139 -4.54 -10.28 18.65
N ASN A 140 -3.94 -11.41 19.00
CA ASN A 140 -4.50 -12.72 18.61
C ASN A 140 -5.78 -12.98 19.43
N SER A 141 -5.80 -12.60 20.70
CA SER A 141 -7.00 -12.72 21.56
C SER A 141 -8.01 -11.60 21.28
N THR A 142 -7.63 -10.40 20.82
CA THR A 142 -8.63 -9.33 20.52
C THR A 142 -9.21 -9.53 19.13
N LYS A 143 -8.39 -9.81 18.12
CA LYS A 143 -8.84 -9.82 16.70
C LYS A 143 -8.57 -11.17 16.05
N GLY A 144 -7.71 -12.02 16.62
CA GLY A 144 -7.37 -13.35 16.07
C GLY A 144 -6.38 -13.26 14.93
N SER A 145 -5.38 -14.12 14.92
CA SER A 145 -4.31 -14.14 13.89
C SER A 145 -4.53 -15.34 12.97
N ALA A 146 -4.14 -15.21 11.70
CA ALA A 146 -3.96 -16.34 10.77
C ALA A 146 -2.50 -16.85 10.87
N ASN A 147 -1.64 -16.17 11.62
CA ASN A 147 -0.18 -16.44 11.57
C ASN A 147 0.18 -17.44 12.67
N ASP A 148 1.31 -18.12 12.50
CA ASP A 148 1.99 -18.78 13.64
C ASP A 148 2.43 -17.74 14.64
N ARG A 149 2.32 -18.08 15.91
CA ARG A 149 2.92 -17.30 17.01
C ARG A 149 4.43 -17.35 16.80
N PRO A 150 5.07 -16.19 16.60
CA PRO A 150 6.45 -16.15 16.11
C PRO A 150 7.46 -16.40 17.22
N ASP A 151 7.31 -17.49 17.95
CA ASP A 151 8.09 -17.74 19.19
C ASP A 151 9.09 -18.88 18.95
N PHE A 152 9.19 -19.40 17.74
CA PHE A 152 9.97 -20.61 17.42
C PHE A 152 11.29 -20.21 16.73
N PHE A 153 11.60 -18.93 16.66
CA PHE A 153 12.83 -18.45 16.01
C PHE A 153 14.02 -18.61 16.99
N LYS A 154 15.17 -19.04 16.46
CA LYS A 154 16.44 -19.21 17.22
C LYS A 154 17.24 -17.90 17.20
N ASP A 155 18.31 -17.82 18.00
CA ASP A 155 19.12 -16.59 18.20
C ASP A 155 19.94 -16.32 16.91
N ASP A 156 19.93 -17.22 15.90
CA ASP A 156 20.64 -16.96 14.60
C ASP A 156 19.65 -16.43 13.53
N GLN A 157 18.37 -16.32 13.83
CA GLN A 157 17.34 -16.04 12.80
C GLN A 157 17.58 -14.63 12.27
N LEU A 158 17.61 -14.46 10.95
CA LEU A 158 17.67 -13.11 10.35
C LEU A 158 16.27 -12.62 10.08
N PHE A 159 16.04 -11.34 10.33
CA PHE A 159 14.86 -10.59 9.85
C PHE A 159 15.30 -9.34 9.12
N ILE A 160 14.41 -8.85 8.26
CA ILE A 160 14.42 -7.44 7.78
C ILE A 160 13.36 -6.70 8.55
N VAL A 161 13.75 -5.61 9.20
CA VAL A 161 12.84 -4.67 9.87
C VAL A 161 12.76 -3.39 9.03
N LEU A 162 11.60 -3.13 8.50
CA LEU A 162 11.32 -1.91 7.75
C LEU A 162 10.55 -1.00 8.67
N GLU A 163 11.05 0.19 8.86
CA GLU A 163 10.30 1.18 9.59
C GLU A 163 9.70 2.19 8.61
N PHE A 164 8.39 2.27 8.63
CA PHE A 164 7.54 3.15 7.80
C PHE A 164 6.97 4.24 8.66
N GLU A 165 6.67 5.40 8.07
CA GLU A 165 5.73 6.35 8.66
C GLU A 165 4.45 5.60 8.97
N PHE A 166 3.73 6.01 9.98
CA PHE A 166 2.41 5.45 10.26
C PHE A 166 1.40 6.08 9.30
N GLY A 167 0.81 5.28 8.40
CA GLY A 167 -0.09 5.76 7.33
C GLY A 167 -1.55 5.80 7.75
N GLY A 168 -1.89 5.22 8.89
CA GLY A 168 -3.27 5.18 9.41
C GLY A 168 -3.91 3.82 9.23
N ILE A 169 -5.15 3.81 8.80
CA ILE A 169 -6.03 2.60 8.80
C ILE A 169 -6.45 2.37 7.36
N ASP A 170 -6.54 1.13 6.95
CA ASP A 170 -6.88 0.79 5.56
C ASP A 170 -8.35 1.08 5.28
N LEU A 171 -8.62 1.35 4.02
CA LEU A 171 -9.93 1.65 3.47
C LEU A 171 -10.94 0.55 3.80
N GLU A 172 -10.55 -0.72 3.74
CA GLU A 172 -11.43 -1.87 4.09
C GLU A 172 -11.94 -1.70 5.53
N GLN A 173 -11.07 -1.45 6.52
CA GLN A 173 -11.48 -1.23 7.93
C GLN A 173 -12.27 0.07 8.07
N MET A 174 -12.18 0.98 7.10
CA MET A 174 -12.91 2.29 7.16
C MET A 174 -14.21 2.22 6.37
N ARG A 175 -14.63 1.01 5.99
CA ARG A 175 -15.82 0.75 5.11
C ARG A 175 -17.02 1.60 5.57
N THR A 176 -17.22 1.73 6.88
CA THR A 176 -18.42 2.37 7.48
C THR A 176 -18.03 3.70 8.13
N LYS A 177 -16.85 4.25 7.85
CA LYS A 177 -16.27 5.27 8.73
C LYS A 177 -16.12 6.61 8.02
N LEU A 178 -16.31 6.67 6.71
CA LEU A 178 -15.99 7.91 5.97
C LEU A 178 -17.21 8.81 6.01
N SER A 179 -16.97 10.12 5.87
CA SER A 179 -18.00 11.17 6.01
C SER A 179 -19.03 11.05 4.87
N SER A 180 -18.57 11.02 3.62
CA SER A 180 -19.45 11.19 2.44
C SER A 180 -18.70 10.84 1.16
N LEU A 181 -19.38 10.84 0.02
CA LEU A 181 -18.75 10.48 -1.27
C LEU A 181 -17.75 11.55 -1.69
N ALA A 182 -17.80 12.75 -1.12
CA ALA A 182 -16.76 13.79 -1.33
C ALA A 182 -15.40 13.25 -0.85
N THR A 183 -15.38 12.59 0.32
CA THR A 183 -14.20 11.90 0.85
C THR A 183 -13.72 10.88 -0.17
N ALA A 184 -14.66 10.09 -0.73
CA ALA A 184 -14.37 9.03 -1.71
C ALA A 184 -13.65 9.64 -2.90
N LYS A 185 -14.11 10.81 -3.34
CA LYS A 185 -13.52 11.45 -4.52
C LYS A 185 -12.07 11.88 -4.19
N SER A 186 -11.85 12.51 -3.03
CA SER A 186 -10.50 12.92 -2.59
C SER A 186 -9.58 11.71 -2.64
N ILE A 187 -10.06 10.58 -2.16
CA ILE A 187 -9.22 9.37 -2.05
C ILE A 187 -8.89 8.89 -3.47
N LEU A 188 -9.85 8.86 -4.38
CA LEU A 188 -9.60 8.42 -5.76
C LEU A 188 -8.65 9.39 -6.44
N HIS A 189 -8.80 10.66 -6.14
CA HIS A 189 -7.94 11.74 -6.71
C HIS A 189 -6.51 11.53 -6.22
N GLN A 190 -6.33 11.39 -4.91
CA GLN A 190 -5.00 11.19 -4.29
C GLN A 190 -4.34 9.97 -4.89
N LEU A 191 -5.08 8.87 -4.99
CA LEU A 191 -4.52 7.60 -5.48
C LEU A 191 -4.13 7.78 -6.93
N THR A 192 -4.99 8.40 -7.73
CA THR A 192 -4.73 8.55 -9.19
C THR A 192 -3.45 9.38 -9.40
N ALA A 193 -3.33 10.49 -8.68
CA ALA A 193 -2.18 11.42 -8.79
C ALA A 193 -0.89 10.67 -8.35
N SER A 194 -0.94 9.94 -7.24
CA SER A 194 0.22 9.21 -6.70
C SER A 194 0.71 8.20 -7.74
N LEU A 195 -0.21 7.43 -8.28
CA LEU A 195 0.15 6.42 -9.30
C LEU A 195 0.67 7.12 -10.55
N ALA A 196 0.07 8.23 -10.95
CA ALA A 196 0.49 8.96 -12.19
C ALA A 196 1.93 9.49 -12.01
N VAL A 197 2.26 9.97 -10.81
CA VAL A 197 3.61 10.52 -10.53
C VAL A 197 4.63 9.39 -10.59
N ALA A 198 4.26 8.22 -10.08
CA ALA A 198 5.12 7.02 -10.04
C ALA A 198 5.21 6.42 -11.45
N GLU A 199 4.12 6.43 -12.21
CA GLU A 199 4.19 6.09 -13.65
C GLU A 199 5.24 6.98 -14.33
N ALA A 200 5.14 8.30 -14.13
CA ALA A 200 5.97 9.29 -14.88
C ALA A 200 7.44 9.13 -14.50
N SER A 201 7.72 8.79 -13.23
CA SER A 201 9.06 8.80 -12.62
C SER A 201 9.74 7.43 -12.82
N LEU A 202 8.98 6.35 -12.70
CA LEU A 202 9.51 5.03 -12.32
C LEU A 202 8.87 3.94 -13.17
N ARG A 203 7.93 4.29 -14.04
CA ARG A 203 7.16 3.31 -14.86
C ARG A 203 6.55 2.27 -13.92
N PHE A 204 5.93 2.77 -12.87
CA PHE A 204 5.47 1.98 -11.72
C PHE A 204 4.10 1.39 -12.03
N GLU A 205 3.91 0.15 -11.65
CA GLU A 205 2.57 -0.46 -11.45
C GLU A 205 2.53 -1.03 -10.05
N HIS A 206 1.49 -0.75 -9.29
CA HIS A 206 1.33 -1.34 -7.93
C HIS A 206 1.03 -2.85 -8.06
N ARG A 207 0.03 -3.19 -8.88
CA ARG A 207 -0.37 -4.58 -9.28
C ARG A 207 -1.12 -5.32 -8.15
N ASP A 208 -1.41 -4.66 -7.03
CA ASP A 208 -2.16 -5.33 -5.93
C ASP A 208 -2.82 -4.31 -5.03
N LEU A 209 -3.47 -3.30 -5.60
CA LEU A 209 -3.93 -2.12 -4.82
C LEU A 209 -5.38 -2.38 -4.39
N HIS A 210 -5.59 -3.49 -3.68
CA HIS A 210 -6.89 -3.83 -3.04
C HIS A 210 -7.10 -2.87 -1.86
N TRP A 211 -8.31 -2.80 -1.32
CA TRP A 211 -8.64 -1.74 -0.34
C TRP A 211 -7.97 -2.02 1.03
N GLY A 212 -7.30 -3.14 1.19
CA GLY A 212 -6.39 -3.35 2.34
C GLY A 212 -5.08 -2.55 2.20
N ASN A 213 -4.75 -2.05 0.99
CA ASN A 213 -3.43 -1.46 0.67
C ASN A 213 -3.53 0.05 0.46
N VAL A 214 -4.63 0.63 0.91
CA VAL A 214 -4.87 2.10 0.86
C VAL A 214 -5.11 2.59 2.28
N LEU A 215 -4.18 3.36 2.83
CA LEU A 215 -4.28 3.76 4.25
C LEU A 215 -4.78 5.20 4.31
N LEU A 216 -5.53 5.52 5.36
CA LEU A 216 -6.11 6.84 5.57
C LEU A 216 -5.73 7.34 6.95
N LYS A 217 -5.35 8.60 7.00
CA LYS A 217 -4.83 9.33 8.16
C LYS A 217 -5.48 10.73 8.12
N LYS A 218 -5.88 11.24 9.27
CA LYS A 218 -6.29 12.66 9.44
C LYS A 218 -5.13 13.56 9.01
N THR A 219 -5.42 14.62 8.26
CA THR A 219 -4.50 15.76 8.02
C THR A 219 -5.29 17.04 8.31
N SER A 220 -4.63 18.07 8.82
CA SER A 220 -5.24 19.41 8.97
C SER A 220 -5.02 20.25 7.71
N LEU A 221 -4.18 19.76 6.78
CA LEU A 221 -4.02 20.42 5.46
C LEU A 221 -5.36 20.37 4.73
N LYS A 222 -5.78 21.47 4.12
CA LYS A 222 -7.00 21.47 3.29
C LYS A 222 -6.64 21.00 1.89
N LYS A 223 -5.42 21.24 1.42
CA LYS A 223 -4.99 20.96 0.05
C LYS A 223 -3.72 20.12 0.10
N LEU A 224 -3.68 19.07 -0.69
CA LEU A 224 -2.48 18.22 -0.83
C LEU A 224 -1.86 18.56 -2.17
N HIS A 225 -0.54 18.51 -2.25
CA HIS A 225 0.29 18.98 -3.39
C HIS A 225 0.89 17.78 -4.10
N TYR A 226 0.90 17.76 -5.42
CA TYR A 226 1.75 16.85 -6.20
C TYR A 226 2.35 17.62 -7.37
N THR A 227 3.39 17.06 -7.97
CA THR A 227 3.97 17.57 -9.21
C THR A 227 4.10 16.41 -10.18
N LEU A 228 3.52 16.58 -11.35
CA LEU A 228 3.62 15.61 -12.44
C LEU A 228 4.31 16.29 -13.61
N ASN A 229 5.46 15.73 -14.04
CA ASN A 229 6.31 16.19 -15.16
C ASN A 229 6.42 17.70 -15.09
N GLY A 230 6.74 18.22 -13.92
CA GLY A 230 7.02 19.64 -13.71
C GLY A 230 5.76 20.47 -13.52
N LYS A 231 4.57 19.90 -13.62
CA LYS A 231 3.33 20.71 -13.37
C LYS A 231 2.77 20.35 -12.00
N SER A 232 2.71 21.34 -11.12
CA SER A 232 2.20 21.20 -9.72
C SER A 232 0.70 21.46 -9.68
N SER A 233 -0.01 20.66 -8.90
CA SER A 233 -1.44 20.89 -8.66
C SER A 233 -1.76 20.49 -7.24
N THR A 234 -3.00 20.68 -6.85
CA THR A 234 -3.44 20.42 -5.46
C THR A 234 -4.71 19.60 -5.55
N ILE A 235 -5.01 18.90 -4.47
CA ILE A 235 -6.20 18.04 -4.31
C ILE A 235 -6.79 18.39 -2.97
N PRO A 236 -8.09 18.71 -2.91
CA PRO A 236 -8.80 18.85 -1.63
C PRO A 236 -8.72 17.56 -0.83
N SER A 237 -8.21 17.65 0.39
CA SER A 237 -7.93 16.51 1.29
C SER A 237 -9.23 15.88 1.82
N CYS A 238 -10.27 16.69 2.05
CA CYS A 238 -11.46 16.35 2.89
C CYS A 238 -10.98 15.79 4.23
N GLY A 239 -9.84 16.28 4.70
CA GLY A 239 -9.28 15.91 6.01
C GLY A 239 -8.52 14.60 6.00
N LEU A 240 -8.35 13.95 4.84
CA LEU A 240 -7.60 12.66 4.80
C LEU A 240 -6.36 12.78 3.92
N GLN A 241 -5.29 12.18 4.41
CA GLN A 241 -4.09 11.88 3.64
C GLN A 241 -4.12 10.38 3.32
N VAL A 242 -4.07 10.03 2.04
CA VAL A 242 -3.95 8.63 1.59
C VAL A 242 -2.46 8.23 1.55
N SER A 243 -2.16 7.01 1.95
CA SER A 243 -0.83 6.39 1.78
C SER A 243 -1.04 5.02 1.16
N ILE A 244 -0.35 4.76 0.07
CA ILE A 244 -0.34 3.44 -0.62
C ILE A 244 0.73 2.58 0.04
N ILE A 245 0.43 1.29 0.23
CA ILE A 245 1.34 0.34 0.89
C ILE A 245 1.39 -0.95 0.09
N ASP A 246 2.34 -1.82 0.49
CA ASP A 246 2.47 -3.24 0.09
C ASP A 246 2.85 -3.35 -1.40
N TYR A 247 4.10 -3.67 -1.66
CA TYR A 247 4.71 -3.70 -3.02
C TYR A 247 5.05 -5.14 -3.40
N THR A 248 4.35 -6.08 -2.81
CA THR A 248 4.49 -7.54 -3.08
C THR A 248 4.59 -7.75 -4.59
N LEU A 249 3.60 -7.30 -5.32
CA LEU A 249 3.45 -7.60 -6.75
C LEU A 249 3.99 -6.47 -7.61
N SER A 250 4.49 -5.38 -7.02
CA SER A 250 4.74 -4.11 -7.71
C SER A 250 5.91 -4.25 -8.70
N ARG A 251 5.95 -3.33 -9.66
CA ARG A 251 6.96 -3.27 -10.75
C ARG A 251 7.36 -1.81 -10.95
N LEU A 252 8.64 -1.57 -11.16
CA LEU A 252 9.12 -0.25 -11.61
C LEU A 252 10.51 -0.40 -12.18
N GLU A 253 11.08 0.67 -12.69
CA GLU A 253 12.38 0.58 -13.37
C GLU A 253 13.12 1.90 -13.24
N ARG A 254 14.46 1.86 -13.27
CA ARG A 254 15.35 3.02 -13.53
C ARG A 254 16.44 2.62 -14.51
N ASP A 255 16.66 3.45 -15.52
CA ASP A 255 17.76 3.25 -16.51
C ASP A 255 17.65 1.83 -17.05
N GLY A 256 16.41 1.34 -17.16
CA GLY A 256 16.06 0.10 -17.86
C GLY A 256 16.34 -1.12 -17.03
N ILE A 257 16.60 -0.97 -15.76
CA ILE A 257 16.68 -2.11 -14.82
C ILE A 257 15.27 -2.26 -14.24
N VAL A 258 14.59 -3.37 -14.51
CA VAL A 258 13.19 -3.56 -14.07
C VAL A 258 13.18 -4.38 -12.79
N VAL A 259 12.52 -3.88 -11.77
CA VAL A 259 12.25 -4.64 -10.52
C VAL A 259 10.78 -4.99 -10.52
N PHE A 260 10.45 -6.25 -10.40
CA PHE A 260 9.08 -6.78 -10.57
C PHE A 260 9.00 -8.14 -9.95
N CYS A 261 7.80 -8.56 -9.64
CA CYS A 261 7.52 -9.91 -9.13
C CYS A 261 6.96 -10.76 -10.27
N ASP A 262 7.70 -11.80 -10.66
CA ASP A 262 7.35 -12.62 -11.83
C ASP A 262 6.32 -13.65 -11.41
N VAL A 263 5.06 -13.42 -11.71
CA VAL A 263 3.98 -14.34 -11.29
C VAL A 263 3.48 -15.10 -12.52
N SER A 264 4.28 -15.14 -13.61
CA SER A 264 3.88 -15.80 -14.89
C SER A 264 3.49 -17.26 -14.62
N MET A 265 4.13 -17.89 -13.63
CA MET A 265 3.97 -19.34 -13.31
C MET A 265 3.10 -19.54 -12.06
N ASP A 266 2.77 -18.49 -11.30
CA ASP A 266 1.89 -18.66 -10.13
C ASP A 266 0.50 -19.06 -10.67
N GLU A 267 -0.21 -19.98 -10.01
CA GLU A 267 -1.54 -20.44 -10.49
C GLU A 267 -2.65 -19.91 -9.60
N ASP A 268 -2.44 -19.98 -8.29
CA ASP A 268 -3.41 -19.57 -7.23
C ASP A 268 -3.91 -18.15 -7.51
N LEU A 269 -3.01 -17.22 -7.86
CA LEU A 269 -3.28 -15.76 -7.92
C LEU A 269 -4.41 -15.48 -8.91
N PHE A 270 -4.55 -16.32 -9.96
CA PHE A 270 -5.44 -16.07 -11.12
C PHE A 270 -6.74 -16.89 -11.01
N THR A 271 -7.00 -17.53 -9.86
CA THR A 271 -8.17 -18.46 -9.71
C THR A 271 -9.06 -18.03 -8.54
N GLY A 272 -8.90 -16.83 -7.99
CA GLY A 272 -9.77 -16.36 -6.89
C GLY A 272 -11.15 -16.13 -7.43
N ASP A 273 -12.16 -16.00 -6.57
CA ASP A 273 -13.48 -15.38 -6.90
C ASP A 273 -14.16 -14.96 -5.60
N GLY A 274 -15.31 -14.30 -5.74
CA GLY A 274 -16.12 -13.74 -4.63
C GLY A 274 -15.95 -12.22 -4.50
N ASP A 275 -15.08 -11.63 -5.31
CA ASP A 275 -14.69 -10.19 -5.22
C ASP A 275 -14.03 -9.75 -6.53
N TYR A 276 -14.32 -8.55 -6.97
CA TYR A 276 -13.80 -7.98 -8.24
C TYR A 276 -12.26 -7.99 -8.17
N GLN A 277 -11.75 -7.94 -6.96
CA GLN A 277 -10.31 -8.03 -6.70
C GLN A 277 -9.70 -9.15 -7.56
N PHE A 278 -10.28 -10.34 -7.53
CA PHE A 278 -9.63 -11.53 -8.11
C PHE A 278 -9.75 -11.47 -9.64
N ASP A 279 -10.72 -10.72 -10.15
CA ASP A 279 -10.83 -10.44 -11.62
C ASP A 279 -9.65 -9.59 -12.07
N ILE A 280 -9.22 -8.65 -11.25
CA ILE A 280 -8.15 -7.72 -11.62
C ILE A 280 -6.88 -8.55 -11.93
N TYR A 281 -6.62 -9.61 -11.15
CA TYR A 281 -5.40 -10.42 -11.38
C TYR A 281 -5.48 -10.99 -12.80
N ARG A 282 -6.67 -11.45 -13.17
CA ARG A 282 -6.88 -12.08 -14.48
C ARG A 282 -6.82 -10.99 -15.56
N LEU A 283 -7.39 -9.82 -15.31
CA LEU A 283 -7.45 -8.72 -16.31
C LEU A 283 -6.04 -8.17 -16.54
N MET A 284 -5.20 -8.20 -15.51
CA MET A 284 -3.78 -7.79 -15.60
C MET A 284 -3.05 -8.75 -16.56
N LYS A 285 -3.15 -10.04 -16.29
CA LYS A 285 -2.51 -11.12 -17.08
C LYS A 285 -3.01 -11.05 -18.53
N LYS A 286 -4.30 -10.84 -18.71
CA LYS A 286 -4.84 -10.62 -20.06
C LYS A 286 -4.16 -9.40 -20.67
N GLU A 287 -4.04 -8.30 -19.94
CA GLU A 287 -3.47 -7.05 -20.49
C GLU A 287 -1.98 -7.25 -20.89
N ASN A 288 -1.18 -8.02 -20.11
CA ASN A 288 0.30 -8.04 -20.23
C ASN A 288 0.76 -9.36 -20.85
N ASN A 289 -0.19 -10.19 -21.29
CA ASN A 289 0.07 -11.46 -22.01
C ASN A 289 0.95 -12.31 -21.12
N ASN A 290 0.74 -12.23 -19.81
CA ASN A 290 1.54 -12.99 -18.82
C ASN A 290 3.03 -12.60 -18.89
N ARG A 291 3.35 -11.38 -19.33
CA ARG A 291 4.74 -10.89 -19.29
C ARG A 291 4.86 -9.76 -18.25
N TRP A 292 5.22 -10.12 -17.03
CA TRP A 292 5.18 -9.22 -15.84
C TRP A 292 6.39 -8.27 -15.82
N GLY A 293 7.39 -8.47 -16.66
CA GLY A 293 8.57 -7.60 -16.78
C GLY A 293 8.24 -6.33 -17.54
N GLU A 294 7.22 -6.37 -18.42
CA GLU A 294 6.83 -5.24 -19.29
C GLU A 294 6.14 -4.16 -18.46
N TYR A 295 6.02 -2.96 -19.03
CA TYR A 295 5.26 -1.83 -18.46
C TYR A 295 3.86 -1.84 -19.07
N HIS A 296 2.84 -2.11 -18.27
CA HIS A 296 1.41 -1.98 -18.65
C HIS A 296 0.72 -1.11 -17.60
N PRO A 297 0.83 0.23 -17.69
CA PRO A 297 0.23 1.09 -16.68
C PRO A 297 -1.29 0.96 -16.65
N TYR A 298 -1.89 0.31 -17.64
CA TYR A 298 -3.34 0.03 -17.60
C TYR A 298 -3.68 -0.77 -16.33
N SER A 299 -2.72 -1.49 -15.73
CA SER A 299 -2.94 -2.23 -14.46
C SER A 299 -3.37 -1.25 -13.37
N ASN A 300 -2.80 -0.04 -13.39
CA ASN A 300 -3.10 0.99 -12.36
C ASN A 300 -4.54 1.46 -12.55
N VAL A 301 -4.98 1.52 -13.80
CA VAL A 301 -6.38 1.92 -14.16
C VAL A 301 -7.32 0.82 -13.64
N LEU A 302 -6.95 -0.44 -13.86
CA LEU A 302 -7.75 -1.57 -13.35
C LEU A 302 -7.90 -1.45 -11.84
N TRP A 303 -6.83 -1.31 -11.09
CA TRP A 303 -6.92 -1.17 -9.61
C TRP A 303 -7.77 0.04 -9.26
N LEU A 304 -7.61 1.19 -9.95
CA LEU A 304 -8.41 2.38 -9.61
C LEU A 304 -9.88 2.08 -9.91
N HIS A 305 -10.14 1.29 -10.92
CA HIS A 305 -11.52 0.87 -11.26
C HIS A 305 -12.07 0.04 -10.11
N TYR A 306 -11.29 -0.93 -9.64
CA TYR A 306 -11.68 -1.82 -8.51
C TYR A 306 -11.96 -0.95 -7.26
N LEU A 307 -11.21 0.12 -7.08
CA LEU A 307 -11.35 0.97 -5.86
C LEU A 307 -12.58 1.86 -6.01
N THR A 308 -12.82 2.36 -7.20
CA THR A 308 -14.03 3.16 -7.51
C THR A 308 -15.25 2.26 -7.26
N ASP A 309 -15.16 1.02 -7.71
CA ASP A 309 -16.20 -0.01 -7.56
C ASP A 309 -16.49 -0.21 -6.06
N LYS A 310 -15.47 -0.39 -5.23
CA LYS A 310 -15.63 -0.51 -3.75
C LYS A 310 -16.31 0.76 -3.20
N MET A 311 -15.92 1.96 -3.66
CA MET A 311 -16.47 3.24 -3.15
C MET A 311 -18.00 3.25 -3.37
N LEU A 312 -18.45 2.77 -4.52
CA LEU A 312 -19.87 2.88 -4.94
C LEU A 312 -20.68 1.72 -4.37
N LYS A 313 -20.07 0.57 -4.10
CA LYS A 313 -20.83 -0.67 -3.89
C LYS A 313 -20.64 -1.17 -2.46
N GLN A 314 -19.48 -1.04 -1.84
CA GLN A 314 -19.26 -1.70 -0.52
C GLN A 314 -18.95 -0.67 0.58
N MET A 315 -18.52 0.55 0.25
CA MET A 315 -18.39 1.62 1.27
C MET A 315 -19.82 2.10 1.66
N THR A 316 -20.01 2.44 2.90
CA THR A 316 -21.24 3.11 3.37
C THR A 316 -20.81 4.32 4.18
N PHE A 317 -21.36 5.48 3.83
CA PHE A 317 -20.96 6.83 4.25
C PHE A 317 -21.86 7.31 5.37
N LYS A 318 -21.31 8.04 6.34
CA LYS A 318 -22.06 8.53 7.52
C LYS A 318 -23.12 9.52 7.04
N THR A 319 -22.83 10.29 6.00
CA THR A 319 -23.81 11.14 5.28
C THR A 319 -23.94 10.67 3.84
N LYS A 320 -25.16 10.43 3.41
CA LYS A 320 -25.49 10.12 2.00
C LYS A 320 -25.44 11.44 1.21
N CYS A 321 -25.72 11.35 -0.08
CA CYS A 321 -25.82 12.49 -1.02
C CYS A 321 -27.26 13.00 -1.02
N ASN A 322 -27.54 13.95 -0.11
CA ASN A 322 -28.91 14.41 0.25
C ASN A 322 -29.16 15.71 -0.55
N THR A 323 -28.23 16.66 -0.47
CA THR A 323 -28.23 17.98 -1.17
C THR A 323 -27.93 17.83 -2.66
N PRO A 324 -28.18 18.90 -3.47
CA PRO A 324 -27.84 18.87 -4.90
C PRO A 324 -26.35 18.59 -5.18
N ALA A 325 -25.46 19.45 -4.67
CA ALA A 325 -24.01 19.41 -4.98
C ALA A 325 -23.46 18.00 -4.72
N MET A 326 -24.06 17.29 -3.76
CA MET A 326 -23.58 15.97 -3.27
C MET A 326 -23.92 14.92 -4.33
N LYS A 327 -25.15 14.93 -4.83
CA LYS A 327 -25.63 13.98 -5.87
C LYS A 327 -24.79 14.20 -7.14
N GLN A 328 -24.39 15.44 -7.39
CA GLN A 328 -23.46 15.83 -8.48
C GLN A 328 -22.18 14.99 -8.38
N ILE A 329 -21.46 15.10 -7.26
CA ILE A 329 -20.25 14.29 -6.94
C ILE A 329 -20.55 12.81 -7.17
N LYS A 330 -21.65 12.28 -6.61
CA LYS A 330 -22.04 10.86 -6.80
C LYS A 330 -22.08 10.51 -8.30
N ARG A 331 -22.72 11.34 -9.12
CA ARG A 331 -22.92 11.03 -10.57
C ARG A 331 -21.55 11.06 -11.27
N LYS A 332 -20.68 11.98 -10.88
CA LYS A 332 -19.29 12.12 -11.39
C LYS A 332 -18.49 10.83 -11.08
N ILE A 333 -18.66 10.24 -9.90
CA ILE A 333 -17.93 9.01 -9.51
C ILE A 333 -18.52 7.85 -10.28
N GLN A 334 -19.83 7.84 -10.44
CA GLN A 334 -20.50 6.80 -11.27
C GLN A 334 -20.04 6.94 -12.71
N GLU A 335 -19.93 8.16 -13.19
CA GLU A 335 -19.49 8.45 -14.57
C GLU A 335 -18.01 8.01 -14.70
N PHE A 336 -17.21 8.26 -13.67
CA PHE A 336 -15.82 7.78 -13.57
C PHE A 336 -15.80 6.25 -13.69
N HIS A 337 -16.63 5.57 -12.90
CA HIS A 337 -16.71 4.09 -12.87
C HIS A 337 -16.96 3.57 -14.29
N ARG A 338 -17.85 4.25 -15.03
CA ARG A 338 -18.36 3.82 -16.35
C ARG A 338 -17.29 4.03 -17.41
N THR A 339 -16.43 5.05 -17.25
CA THR A 339 -15.58 5.61 -18.34
C THR A 339 -14.10 5.25 -18.12
N MET A 340 -13.64 5.10 -16.88
CA MET A 340 -12.20 5.11 -16.58
C MET A 340 -11.45 3.97 -17.31
N LEU A 341 -12.10 2.83 -17.56
CA LEU A 341 -11.42 1.66 -18.19
C LEU A 341 -11.03 1.96 -19.65
N ASN A 342 -11.45 3.11 -20.19
CA ASN A 342 -11.11 3.53 -21.57
C ASN A 342 -9.93 4.47 -21.53
N PHE A 343 -9.22 4.51 -20.40
CA PHE A 343 -7.97 5.29 -20.24
C PHE A 343 -6.84 4.30 -20.09
N SER A 344 -5.65 4.74 -20.47
CA SER A 344 -4.49 3.87 -20.72
C SER A 344 -3.57 3.84 -19.51
N SER A 345 -3.71 4.78 -18.59
CA SER A 345 -2.80 4.91 -17.44
C SER A 345 -3.46 5.78 -16.38
N ALA A 346 -2.93 5.78 -15.15
CA ALA A 346 -3.29 6.72 -14.09
C ALA A 346 -2.93 8.14 -14.57
N THR A 347 -1.88 8.25 -15.36
CA THR A 347 -1.43 9.55 -15.93
C THR A 347 -2.53 10.07 -16.84
N ASP A 348 -3.02 9.23 -17.76
CA ASP A 348 -4.07 9.58 -18.74
C ASP A 348 -5.33 9.97 -17.96
N LEU A 349 -5.68 9.23 -16.91
CA LEU A 349 -6.88 9.57 -16.12
C LEU A 349 -6.70 10.93 -15.49
N LEU A 350 -5.57 11.11 -14.82
CA LEU A 350 -5.37 12.31 -14.02
C LEU A 350 -5.52 13.53 -14.94
N CYS A 351 -4.89 13.46 -16.11
CA CYS A 351 -4.73 14.59 -17.05
C CYS A 351 -5.98 14.79 -17.92
N GLN A 352 -6.78 13.76 -18.19
CA GLN A 352 -7.83 13.84 -19.25
CA GLN A 352 -7.83 13.81 -19.27
C GLN A 352 -9.22 13.59 -18.67
N HIS A 353 -9.33 12.97 -17.49
CA HIS A 353 -10.68 12.65 -16.94
C HIS A 353 -11.34 13.87 -16.31
N SER A 354 -12.63 14.00 -16.61
CA SER A 354 -13.50 15.11 -16.20
C SER A 354 -13.65 15.10 -14.67
N LEU A 355 -13.50 13.94 -14.03
CA LEU A 355 -13.64 13.87 -12.55
C LEU A 355 -12.68 14.89 -11.88
N PHE A 356 -11.55 15.18 -12.51
CA PHE A 356 -10.41 15.84 -11.84
C PHE A 356 -10.32 17.28 -12.29
N LYS A 357 -11.30 17.76 -13.07
CA LYS A 357 -11.22 19.10 -13.70
C LYS A 357 -12.08 20.08 -12.90
#